data_2B8W
#
_entry.id   2B8W
#
_cell.length_a   149.617
_cell.length_b   101.927
_cell.length_c   54.121
_cell.angle_alpha   90.00
_cell.angle_beta   90.00
_cell.angle_gamma   90.00
#
_symmetry.space_group_name_H-M   'P 21 21 21'
#
loop_
_entity.id
_entity.type
_entity.pdbx_description
1 polymer 'Interferon-induced guanylate-binding protein 1'
2 non-polymer 'MAGNESIUM ION'
3 non-polymer 'TETRAFLUOROALUMINATE ION'
4 non-polymer "GUANOSINE-5'-MONOPHOSPHATE"
5 water water
#
_entity_poly.entity_id   1
_entity_poly.type   'polypeptide(L)'
_entity_poly.pdbx_seq_one_letter_code
;MHHHHHHMRGSMASEIHMTGPMCLIENTNGRLMANPEALKILSAITQPMVVVAIVGLYRTGKSYLMNKLAGKKKGFSLGS
TVQSHTKGIWMWCVPHPKKPGHILVLLDTEGLGDVEKGDNQNDSWIFALAVLLSSTFVYNSIGTINQQAMDQLYYVTELT
HRIRSKSSPDENENEVEDSADFVSFFPDFVWTLRDFSLDLEADGQPLTPDEYLTYSLKLKKGTSQKDETFNLPRLCIRKF
FPKKKCFVFDRPVHRRKLAQLEKLQDEELDPEFVQQVADFCSYIFSNSKTKTLSGGIQVNGPRLESLVLTYVNAISSGDL
PCMENAVL
;
_entity_poly.pdbx_strand_id   A,B
#
# COMPACT_ATOMS: atom_id res chain seq x y z
N HIS A 17 -31.93 16.04 -11.73
CA HIS A 17 -30.90 15.39 -12.60
C HIS A 17 -30.69 13.92 -12.21
N MET A 18 -29.46 13.41 -12.34
CA MET A 18 -29.18 11.96 -12.29
C MET A 18 -29.53 11.35 -10.93
N THR A 19 -30.36 10.31 -10.93
CA THR A 19 -30.76 9.65 -9.68
C THR A 19 -29.67 8.74 -9.13
N GLY A 20 -28.81 8.25 -10.02
CA GLY A 20 -27.66 7.44 -9.60
C GLY A 20 -26.56 7.50 -10.63
N PRO A 21 -25.36 7.00 -10.29
CA PRO A 21 -24.22 7.04 -11.21
C PRO A 21 -24.36 6.06 -12.40
N MET A 22 -23.52 6.21 -13.41
CA MET A 22 -23.41 5.18 -14.42
C MET A 22 -21.98 5.08 -14.92
N CYS A 23 -21.67 3.94 -15.51
CA CYS A 23 -20.33 3.72 -16.06
C CYS A 23 -20.07 4.71 -17.19
N LEU A 24 -19.01 5.49 -17.05
CA LEU A 24 -18.54 6.36 -18.14
C LEU A 24 -17.56 5.62 -19.05
N ILE A 25 -16.53 5.01 -18.45
CA ILE A 25 -15.52 4.25 -19.19
C ILE A 25 -15.49 2.82 -18.71
N GLU A 26 -15.93 1.93 -19.60
CA GLU A 26 -15.93 0.51 -19.33
C GLU A 26 -14.51 -0.02 -19.39
N ASN A 27 -14.30 -1.11 -18.66
CA ASN A 27 -13.01 -1.78 -18.65
C ASN A 27 -13.17 -3.29 -18.77
N THR A 28 -13.10 -3.80 -20.00
CA THR A 28 -13.36 -5.21 -20.26
C THR A 28 -12.16 -5.84 -20.98
N ASN A 29 -11.54 -6.84 -20.37
CA ASN A 29 -10.47 -7.58 -21.02
C ASN A 29 -9.41 -6.68 -21.64
N GLY A 30 -8.90 -5.74 -20.84
CA GLY A 30 -7.78 -4.89 -21.27
C GLY A 30 -8.21 -3.73 -22.16
N ARG A 31 -9.48 -3.69 -22.52
CA ARG A 31 -10.00 -2.65 -23.40
C ARG A 31 -10.76 -1.62 -22.57
N LEU A 32 -10.34 -0.36 -22.67
CA LEU A 32 -11.14 0.75 -22.16
C LEU A 32 -11.97 1.39 -23.28
N MET A 33 -13.26 1.54 -23.02
CA MET A 33 -14.21 2.02 -24.03
C MET A 33 -15.20 2.98 -23.38
N ALA A 34 -15.57 4.04 -24.10
CA ALA A 34 -16.60 4.97 -23.62
C ALA A 34 -17.99 4.34 -23.68
N ASN A 35 -18.77 4.53 -22.62
CA ASN A 35 -20.18 4.13 -22.62
C ASN A 35 -21.06 5.14 -23.36
N PRO A 36 -21.58 4.75 -24.55
CA PRO A 36 -22.39 5.65 -25.38
C PRO A 36 -23.58 6.25 -24.61
N GLU A 37 -24.17 5.47 -23.71
CA GLU A 37 -25.27 5.96 -22.89
C GLU A 37 -24.80 7.12 -22.01
N ALA A 38 -23.60 6.99 -21.45
CA ALA A 38 -23.03 8.06 -20.63
C ALA A 38 -22.71 9.29 -21.46
N LEU A 39 -22.08 9.09 -22.61
CA LEU A 39 -21.79 10.19 -23.53
C LEU A 39 -23.06 10.94 -23.90
N LYS A 40 -24.13 10.21 -24.13
CA LYS A 40 -25.40 10.79 -24.52
C LYS A 40 -25.96 11.72 -23.44
N ILE A 41 -25.86 11.30 -22.19
CA ILE A 41 -26.17 12.16 -21.06
C ILE A 41 -25.27 13.40 -20.99
N LEU A 42 -23.97 13.22 -21.23
CA LEU A 42 -23.03 14.34 -21.20
C LEU A 42 -23.40 15.41 -22.23
N SER A 43 -23.85 14.95 -23.40
CA SER A 43 -24.03 15.84 -24.53
C SER A 43 -25.25 16.72 -24.36
N ALA A 44 -26.09 16.40 -23.38
CA ALA A 44 -27.30 17.18 -23.12
C ALA A 44 -27.05 18.28 -22.09
N ILE A 45 -25.92 18.18 -21.39
CA ILE A 45 -25.64 19.09 -20.28
C ILE A 45 -24.84 20.32 -20.73
N THR A 46 -25.53 21.46 -20.84
CA THR A 46 -24.95 22.65 -21.44
C THR A 46 -24.15 23.48 -20.42
N GLN A 47 -24.33 23.17 -19.14
CA GLN A 47 -23.76 23.97 -18.04
C GLN A 47 -22.28 23.65 -17.82
N PRO A 48 -21.50 24.63 -17.30
CA PRO A 48 -20.10 24.37 -16.98
C PRO A 48 -19.95 23.40 -15.82
N MET A 49 -18.84 22.66 -15.81
CA MET A 49 -18.68 21.51 -14.93
C MET A 49 -17.48 21.70 -14.01
N VAL A 50 -17.67 21.34 -12.73
CA VAL A 50 -16.57 20.98 -11.84
C VAL A 50 -16.41 19.46 -11.73
N VAL A 51 -15.23 18.96 -12.11
CA VAL A 51 -14.99 17.51 -12.17
C VAL A 51 -14.02 17.03 -11.10
N VAL A 52 -14.52 16.21 -10.19
CA VAL A 52 -13.72 15.67 -9.10
C VAL A 52 -13.57 14.16 -9.28
N ALA A 53 -12.33 13.70 -9.48
CA ALA A 53 -12.06 12.26 -9.59
C ALA A 53 -11.28 11.74 -8.39
N ILE A 54 -11.47 10.46 -8.07
CA ILE A 54 -10.75 9.83 -6.96
C ILE A 54 -10.02 8.58 -7.44
N VAL A 55 -8.74 8.46 -7.07
CA VAL A 55 -7.94 7.27 -7.39
C VAL A 55 -7.23 6.76 -6.13
N GLY A 56 -6.80 5.50 -6.13
CA GLY A 56 -6.04 4.92 -5.02
C GLY A 56 -6.04 3.41 -5.08
N LEU A 57 -5.32 2.76 -4.16
CA LEU A 57 -5.38 1.31 -4.09
C LEU A 57 -6.81 0.85 -3.86
N TYR A 58 -7.09 -0.39 -4.26
CA TYR A 58 -8.44 -0.94 -4.20
C TYR A 58 -8.83 -1.31 -2.77
N ARG A 59 -10.12 -1.20 -2.47
CA ARG A 59 -10.64 -1.53 -1.15
C ARG A 59 -10.15 -0.54 -0.10
N THR A 60 -10.32 0.73 -0.40
CA THR A 60 -9.65 1.77 0.36
C THR A 60 -10.67 2.87 0.72
N GLY A 61 -11.93 2.61 0.40
CA GLY A 61 -13.03 3.49 0.79
C GLY A 61 -13.32 4.62 -0.17
N LYS A 62 -12.85 4.48 -1.41
CA LYS A 62 -12.99 5.55 -2.39
C LYS A 62 -14.47 5.84 -2.71
N SER A 63 -15.25 4.79 -2.94
CA SER A 63 -16.62 4.96 -3.43
C SER A 63 -17.50 5.57 -2.35
N TYR A 64 -17.21 5.22 -1.10
CA TYR A 64 -17.95 5.75 0.04
C TYR A 64 -17.79 7.26 0.19
N LEU A 65 -16.56 7.74 0.02
CA LEU A 65 -16.26 9.16 0.13
C LEU A 65 -16.88 9.97 -1.02
N MET A 66 -16.92 9.38 -2.22
CA MET A 66 -17.58 10.01 -3.36
C MET A 66 -19.09 10.20 -3.15
N ASN A 67 -19.74 9.22 -2.54
CA ASN A 67 -21.17 9.33 -2.24
C ASN A 67 -21.45 10.48 -1.28
N LYS A 68 -20.47 10.81 -0.44
CA LYS A 68 -20.63 11.90 0.50
C LYS A 68 -20.54 13.26 -0.20
N LEU A 69 -19.87 13.29 -1.35
CA LEU A 69 -19.83 14.49 -2.18
C LEU A 69 -21.16 14.73 -2.87
N ALA A 70 -21.90 13.65 -3.13
CA ALA A 70 -23.22 13.73 -3.76
C ALA A 70 -24.32 13.95 -2.73
N GLY A 71 -23.93 13.94 -1.45
CA GLY A 71 -24.89 14.09 -0.35
C GLY A 71 -25.92 12.99 -0.28
N LYS A 72 -25.57 11.81 -0.78
CA LYS A 72 -26.44 10.64 -0.69
C LYS A 72 -25.82 9.53 0.15
N LYS A 73 -26.65 8.67 0.74
CA LYS A 73 -26.15 7.50 1.48
C LYS A 73 -25.71 6.38 0.53
N LYS A 74 -26.32 6.36 -0.64
CA LYS A 74 -26.13 5.27 -1.60
C LYS A 74 -26.06 5.86 -2.99
N GLY A 75 -25.34 5.18 -3.88
CA GLY A 75 -24.76 5.84 -5.03
C GLY A 75 -23.80 4.91 -5.72
N PHE A 76 -22.53 5.33 -5.80
CA PHE A 76 -21.47 4.41 -6.18
C PHE A 76 -21.44 3.23 -5.21
N SER A 77 -21.64 2.02 -5.73
CA SER A 77 -21.77 0.87 -4.84
C SER A 77 -20.42 0.41 -4.28
N LEU A 78 -20.45 -0.10 -3.06
CA LEU A 78 -19.24 -0.25 -2.25
C LEU A 78 -18.62 -1.63 -2.47
N GLY A 79 -19.39 -2.65 -2.14
CA GLY A 79 -18.89 -4.02 -2.15
C GLY A 79 -18.18 -4.38 -0.86
N SER A 80 -18.47 -5.57 -0.34
CA SER A 80 -18.18 -5.91 1.05
C SER A 80 -16.94 -6.78 1.25
N THR A 81 -16.48 -7.38 0.16
CA THR A 81 -15.58 -8.54 0.26
C THR A 81 -14.14 -8.10 -0.03
N VAL A 82 -13.24 -9.07 -0.14
CA VAL A 82 -11.87 -8.78 -0.54
C VAL A 82 -11.70 -8.44 -2.03
N GLN A 83 -12.70 -8.77 -2.84
CA GLN A 83 -12.63 -8.54 -4.28
C GLN A 83 -12.91 -7.08 -4.61
N SER A 84 -12.31 -6.62 -5.70
CA SER A 84 -12.58 -5.29 -6.22
C SER A 84 -14.04 -5.22 -6.65
N HIS A 85 -14.60 -4.00 -6.61
CA HIS A 85 -15.99 -3.81 -6.95
C HIS A 85 -16.17 -2.79 -8.07
N THR A 86 -15.74 -1.55 -7.83
CA THR A 86 -15.82 -0.53 -8.89
C THR A 86 -14.89 -0.94 -10.03
N LYS A 87 -15.46 -1.03 -11.23
CA LYS A 87 -14.70 -1.32 -12.44
C LYS A 87 -14.81 -0.14 -13.39
N GLY A 88 -13.69 0.19 -14.03
CA GLY A 88 -13.65 1.26 -15.00
C GLY A 88 -13.80 2.60 -14.30
N ILE A 89 -14.48 3.54 -14.95
CA ILE A 89 -14.73 4.85 -14.38
C ILE A 89 -16.21 5.19 -14.44
N TRP A 90 -16.79 5.46 -13.26
CA TRP A 90 -18.20 5.80 -13.17
C TRP A 90 -18.36 7.30 -13.00
N MET A 91 -19.51 7.83 -13.42
CA MET A 91 -19.77 9.26 -13.32
C MET A 91 -21.10 9.53 -12.63
N TRP A 92 -21.17 10.65 -11.90
CA TRP A 92 -22.42 11.08 -11.32
C TRP A 92 -22.54 12.60 -11.41
N CYS A 93 -23.48 13.05 -12.25
CA CYS A 93 -23.70 14.49 -12.47
C CYS A 93 -24.84 15.02 -11.61
N VAL A 94 -24.49 15.86 -10.64
CA VAL A 94 -25.47 16.48 -9.76
C VAL A 94 -25.29 18.00 -9.77
N PRO A 95 -26.36 18.75 -9.45
CA PRO A 95 -26.27 20.20 -9.31
C PRO A 95 -25.20 20.57 -8.28
N HIS A 96 -24.39 21.55 -8.62
CA HIS A 96 -23.37 22.02 -7.70
C HIS A 96 -24.01 22.69 -6.50
N PRO A 97 -23.68 22.22 -5.29
CA PRO A 97 -24.37 22.65 -4.08
C PRO A 97 -24.05 24.09 -3.68
N LYS A 98 -23.02 24.67 -4.28
CA LYS A 98 -22.55 26.02 -3.90
C LYS A 98 -22.44 26.98 -5.07
N LYS A 99 -22.27 26.44 -6.27
CA LYS A 99 -22.15 27.26 -7.47
C LYS A 99 -23.38 27.13 -8.36
N PRO A 100 -24.27 28.15 -8.32
CA PRO A 100 -25.48 28.13 -9.12
C PRO A 100 -25.15 28.09 -10.61
N GLY A 101 -25.89 27.27 -11.36
CA GLY A 101 -25.68 27.15 -12.80
C GLY A 101 -24.47 26.31 -13.17
N HIS A 102 -23.82 25.71 -12.17
CA HIS A 102 -22.76 24.73 -12.42
C HIS A 102 -23.24 23.28 -12.17
N ILE A 103 -22.57 22.33 -12.82
CA ILE A 103 -22.77 20.91 -12.56
C ILE A 103 -21.54 20.32 -11.85
N LEU A 104 -21.77 19.55 -10.79
CA LEU A 104 -20.71 18.79 -10.14
C LEU A 104 -20.65 17.35 -10.66
N VAL A 105 -19.58 17.04 -11.40
CA VAL A 105 -19.37 15.70 -11.94
C VAL A 105 -18.40 14.89 -11.09
N LEU A 106 -18.90 13.81 -10.51
CA LEU A 106 -18.08 12.94 -9.66
C LEU A 106 -17.62 11.72 -10.43
N LEU A 107 -16.31 11.51 -10.47
CA LEU A 107 -15.73 10.35 -11.13
C LEU A 107 -15.11 9.38 -10.12
N ASP A 108 -15.79 8.26 -9.92
CA ASP A 108 -15.29 7.16 -9.08
C ASP A 108 -14.58 6.13 -9.96
N THR A 109 -13.43 5.62 -9.48
CA THR A 109 -12.55 4.81 -10.33
C THR A 109 -12.27 3.42 -9.75
N GLU A 110 -12.00 2.48 -10.65
CA GLU A 110 -11.44 1.16 -10.32
C GLU A 110 -10.17 1.29 -9.48
N GLY A 111 -10.15 0.67 -8.30
CA GLY A 111 -8.99 0.74 -7.42
C GLY A 111 -7.76 0.10 -8.04
N LEU A 112 -6.58 0.59 -7.66
CA LEU A 112 -5.29 0.08 -8.15
C LEU A 112 -4.85 -1.20 -7.42
N GLY A 113 -4.05 -2.03 -8.10
CA GLY A 113 -3.35 -3.13 -7.45
C GLY A 113 -4.21 -4.37 -7.20
N ASP A 114 -5.22 -4.55 -8.04
CA ASP A 114 -6.15 -5.68 -7.92
C ASP A 114 -5.46 -6.98 -8.35
N VAL A 115 -5.34 -7.92 -7.42
CA VAL A 115 -4.61 -9.17 -7.69
C VAL A 115 -5.39 -10.12 -8.60
N GLU A 116 -6.70 -9.93 -8.66
CA GLU A 116 -7.54 -10.66 -9.60
C GLU A 116 -7.21 -10.26 -11.05
N LYS A 117 -7.00 -8.96 -11.26
CA LYS A 117 -6.68 -8.42 -12.60
C LYS A 117 -5.20 -8.59 -12.94
N GLY A 118 -4.33 -8.21 -12.02
CA GLY A 118 -2.89 -8.33 -12.22
C GLY A 118 -2.40 -7.67 -13.50
N ASP A 119 -2.77 -6.40 -13.70
CA ASP A 119 -2.43 -5.65 -14.92
C ASP A 119 -2.11 -4.18 -14.60
N ASN A 120 -0.83 -3.89 -14.36
CA ASN A 120 -0.39 -2.54 -13.95
C ASN A 120 -0.65 -1.49 -15.03
N GLN A 121 -0.43 -1.88 -16.28
CA GLN A 121 -0.65 -1.01 -17.44
C GLN A 121 -2.09 -0.50 -17.52
N ASN A 122 -3.05 -1.42 -17.41
CA ASN A 122 -4.45 -1.05 -17.25
C ASN A 122 -4.70 -0.07 -16.09
N ASP A 123 -4.12 -0.38 -14.94
CA ASP A 123 -4.12 0.54 -13.79
C ASP A 123 -3.68 1.95 -14.19
N SER A 124 -2.54 2.05 -14.87
CA SER A 124 -2.00 3.34 -15.31
C SER A 124 -2.99 4.15 -16.14
N TRP A 125 -3.55 3.52 -17.18
CA TRP A 125 -4.50 4.20 -18.06
C TRP A 125 -5.65 4.78 -17.25
N ILE A 126 -6.24 3.96 -16.40
CA ILE A 126 -7.34 4.41 -15.55
C ILE A 126 -6.88 5.59 -14.68
N PHE A 127 -5.66 5.51 -14.18
CA PHE A 127 -5.07 6.55 -13.33
C PHE A 127 -4.86 7.83 -14.15
N ALA A 128 -4.35 7.67 -15.37
CA ALA A 128 -4.11 8.80 -16.27
C ALA A 128 -5.41 9.51 -16.68
N LEU A 129 -6.43 8.73 -17.00
CA LEU A 129 -7.70 9.30 -17.45
C LEU A 129 -8.33 10.15 -16.37
N ALA A 130 -8.36 9.61 -15.15
CA ALA A 130 -8.83 10.35 -13.99
C ALA A 130 -8.12 11.71 -13.84
N VAL A 131 -6.80 11.72 -13.99
CA VAL A 131 -6.06 12.96 -13.92
C VAL A 131 -6.42 13.92 -15.07
N LEU A 132 -6.56 13.36 -16.26
CA LEU A 132 -6.81 14.14 -17.47
C LEU A 132 -8.20 14.80 -17.46
N LEU A 133 -9.17 14.14 -16.83
CA LEU A 133 -10.57 14.51 -16.98
C LEU A 133 -11.06 15.41 -15.84
N SER A 134 -10.27 15.49 -14.78
CA SER A 134 -10.73 16.10 -13.52
C SER A 134 -10.35 17.58 -13.48
N SER A 135 -10.98 18.33 -12.59
CA SER A 135 -10.43 19.64 -12.21
C SER A 135 -9.92 19.66 -10.77
N THR A 136 -10.44 18.74 -9.95
CA THR A 136 -9.79 18.37 -8.70
C THR A 136 -9.55 16.86 -8.66
N PHE A 137 -8.31 16.48 -8.44
CA PHE A 137 -7.91 15.08 -8.41
C PHE A 137 -7.61 14.64 -6.99
N VAL A 138 -8.36 13.65 -6.49
CA VAL A 138 -8.22 13.17 -5.11
C VAL A 138 -7.52 11.81 -5.08
N TYR A 139 -6.33 11.77 -4.49
CA TYR A 139 -5.62 10.51 -4.29
C TYR A 139 -5.76 9.97 -2.87
N ASN A 140 -6.27 8.75 -2.76
CA ASN A 140 -6.78 8.21 -1.49
C ASN A 140 -5.91 7.05 -1.02
N SER A 141 -5.43 7.09 0.23
CA SER A 141 -4.58 6.02 0.75
C SER A 141 -4.88 5.74 2.22
N ILE A 142 -4.46 4.57 2.70
CA ILE A 142 -4.68 4.20 4.11
C ILE A 142 -3.45 4.50 4.97
N GLY A 143 -3.64 5.35 5.98
CA GLY A 143 -2.71 5.41 7.11
C GLY A 143 -1.61 6.42 6.89
N THR A 144 -0.90 6.29 5.77
CA THR A 144 0.31 7.07 5.53
C THR A 144 0.34 7.60 4.09
N ILE A 145 1.23 8.55 3.86
CA ILE A 145 1.77 8.79 2.52
C ILE A 145 2.97 7.89 2.25
N ASN A 146 2.81 6.97 1.31
CA ASN A 146 3.86 6.01 0.93
C ASN A 146 4.64 6.53 -0.27
N GLN A 147 5.91 6.14 -0.35
CA GLN A 147 6.74 6.51 -1.50
C GLN A 147 6.31 5.80 -2.78
N GLN A 148 5.78 4.58 -2.64
CA GLN A 148 5.29 3.84 -3.79
C GLN A 148 4.07 4.52 -4.45
N ALA A 149 3.22 5.12 -3.62
CA ALA A 149 2.14 5.96 -4.14
C ALA A 149 2.65 7.22 -4.85
N MET A 150 3.66 7.85 -4.26
CA MET A 150 4.31 9.02 -4.86
C MET A 150 4.94 8.63 -6.20
N ASP A 151 5.64 7.49 -6.24
CA ASP A 151 6.35 7.08 -7.44
C ASP A 151 5.36 6.91 -8.60
N GLN A 152 4.23 6.31 -8.31
CA GLN A 152 3.23 6.06 -9.33
C GLN A 152 2.52 7.34 -9.78
N LEU A 153 2.28 8.23 -8.83
CA LEU A 153 1.71 9.53 -9.15
C LEU A 153 2.60 10.32 -10.11
N TYR A 154 3.90 10.26 -9.88
CA TYR A 154 4.86 10.88 -10.79
C TYR A 154 4.81 10.22 -12.18
N TYR A 155 4.97 8.91 -12.19
CA TYR A 155 4.86 8.14 -13.42
C TYR A 155 3.61 8.51 -14.23
N VAL A 156 2.48 8.67 -13.55
CA VAL A 156 1.22 8.91 -14.23
C VAL A 156 1.05 10.35 -14.75
N THR A 157 1.54 11.33 -14.00
CA THR A 157 1.57 12.70 -14.50
C THR A 157 2.39 12.84 -15.77
N GLU A 158 3.50 12.12 -15.85
CA GLU A 158 4.30 12.11 -17.07
C GLU A 158 3.54 11.48 -18.23
N LEU A 159 2.99 10.30 -17.99
CA LEU A 159 2.13 9.62 -18.97
C LEU A 159 1.09 10.58 -19.54
N THR A 160 0.39 11.25 -18.62
CA THR A 160 -0.56 12.30 -18.94
C THR A 160 -0.10 13.27 -20.06
N HIS A 161 1.17 13.70 -20.01
CA HIS A 161 1.72 14.59 -21.05
C HIS A 161 1.79 13.88 -22.38
N ARG A 162 2.13 12.60 -22.32
CA ARG A 162 2.24 11.77 -23.50
C ARG A 162 0.89 11.61 -24.17
N ILE A 163 -0.14 11.33 -23.39
CA ILE A 163 -1.49 11.20 -23.93
C ILE A 163 -1.96 12.52 -24.55
N ARG A 164 -1.67 13.63 -23.89
CA ARG A 164 -2.10 14.95 -24.40
C ARG A 164 -1.41 15.32 -25.72
N SER A 165 -0.20 14.78 -25.92
CA SER A 165 0.55 15.01 -27.16
C SER A 165 -0.08 14.34 -28.37
N LYS A 166 -0.57 13.12 -28.20
CA LYS A 166 -1.44 12.50 -29.21
C LYS A 166 -2.72 13.34 -29.40
N SER A 167 -2.59 14.49 -30.08
CA SER A 167 -3.68 15.45 -30.24
C SER A 167 -3.51 16.69 -29.35
N VAL A 183 -2.51 30.50 -15.98
CA VAL A 183 -3.46 30.01 -16.99
C VAL A 183 -3.49 28.48 -17.02
N SER A 184 -3.15 27.86 -15.89
CA SER A 184 -3.05 26.39 -15.80
C SER A 184 -4.40 25.67 -15.80
N PHE A 185 -4.51 24.63 -16.63
CA PHE A 185 -5.70 23.79 -16.72
C PHE A 185 -5.49 22.38 -16.13
N PHE A 186 -4.34 22.18 -15.50
CA PHE A 186 -4.07 20.94 -14.76
C PHE A 186 -4.82 20.96 -13.42
N PRO A 187 -5.35 19.81 -12.98
CA PRO A 187 -6.20 19.84 -11.78
C PRO A 187 -5.48 20.30 -10.51
N ASP A 188 -6.26 20.77 -9.53
CA ASP A 188 -5.80 20.84 -8.16
C ASP A 188 -5.80 19.45 -7.53
N PHE A 189 -5.09 19.31 -6.41
CA PHE A 189 -4.74 17.99 -5.88
C PHE A 189 -5.15 17.89 -4.42
N VAL A 190 -5.74 16.75 -4.06
CA VAL A 190 -6.05 16.44 -2.68
C VAL A 190 -5.63 15.01 -2.31
N TRP A 191 -4.89 14.86 -1.22
CA TRP A 191 -4.57 13.54 -0.67
C TRP A 191 -5.46 13.25 0.53
N THR A 192 -6.26 12.20 0.43
CA THR A 192 -7.13 11.81 1.53
C THR A 192 -6.58 10.59 2.26
N LEU A 193 -6.31 10.75 3.55
CA LEU A 193 -5.71 9.70 4.36
C LEU A 193 -6.75 8.99 5.21
N ARG A 194 -6.87 7.69 5.01
CA ARG A 194 -7.97 6.91 5.57
C ARG A 194 -7.50 6.07 6.74
N ASP A 195 -8.41 5.82 7.68
CA ASP A 195 -8.10 5.04 8.87
C ASP A 195 -6.90 5.62 9.59
N PHE A 196 -6.86 6.95 9.66
CA PHE A 196 -5.68 7.63 10.15
C PHE A 196 -5.60 7.50 11.67
N SER A 197 -4.51 6.94 12.17
CA SER A 197 -4.41 6.57 13.58
C SER A 197 -3.12 7.05 14.25
N LEU A 198 -2.20 7.56 13.44
CA LEU A 198 -0.86 7.89 13.92
C LEU A 198 -0.76 9.36 14.34
N ASP A 199 0.19 9.66 15.23
CA ASP A 199 0.38 11.04 15.67
C ASP A 199 0.95 11.90 14.54
N LEU A 200 0.30 13.02 14.27
CA LEU A 200 0.76 13.92 13.23
C LEU A 200 1.95 14.75 13.71
N GLU A 201 3.16 14.21 13.54
CA GLU A 201 4.33 14.71 14.23
C GLU A 201 5.59 14.24 13.49
N ALA A 202 6.52 15.15 13.26
CA ALA A 202 7.74 14.81 12.53
C ALA A 202 8.95 15.58 13.05
N ASP A 203 9.88 14.85 13.64
CA ASP A 203 11.12 15.43 14.13
C ASP A 203 10.83 16.43 15.26
N GLY A 204 9.95 16.03 16.17
CA GLY A 204 9.66 16.81 17.38
C GLY A 204 8.53 17.80 17.19
N GLN A 205 8.16 18.04 15.93
CA GLN A 205 7.27 19.17 15.58
C GLN A 205 5.92 18.66 15.07
N PRO A 206 4.82 19.18 15.64
CA PRO A 206 3.47 18.79 15.25
C PRO A 206 3.10 19.30 13.86
N LEU A 207 2.32 18.48 13.15
CA LEU A 207 1.97 18.72 11.76
C LEU A 207 0.46 18.84 11.66
N THR A 208 0.00 19.81 10.87
CA THR A 208 -1.33 19.71 10.26
C THR A 208 -1.24 18.74 9.10
N PRO A 209 -2.40 18.24 8.64
CA PRO A 209 -2.34 17.35 7.50
C PRO A 209 -1.61 17.96 6.31
N ASP A 210 -1.87 19.25 6.03
CA ASP A 210 -1.24 19.96 4.92
C ASP A 210 0.29 19.98 5.05
N GLU A 211 0.79 20.25 6.27
CA GLU A 211 2.22 20.23 6.52
C GLU A 211 2.83 18.83 6.38
N TYR A 212 2.02 17.80 6.58
CA TYR A 212 2.43 16.42 6.31
C TYR A 212 2.63 16.15 4.81
N LEU A 213 1.67 16.56 3.99
CA LEU A 213 1.84 16.46 2.54
C LEU A 213 3.07 17.21 2.04
N THR A 214 3.25 18.45 2.46
CA THR A 214 4.36 19.23 1.94
C THR A 214 5.70 18.76 2.48
N TYR A 215 5.67 18.19 3.68
CA TYR A 215 6.81 17.46 4.22
C TYR A 215 7.20 16.29 3.33
N SER A 216 6.20 15.56 2.86
CA SER A 216 6.45 14.38 2.04
C SER A 216 7.00 14.75 0.65
N LEU A 217 6.87 16.01 0.28
CA LEU A 217 7.30 16.48 -1.05
C LEU A 217 8.50 17.42 -0.94
N LYS A 218 9.00 17.58 0.28
CA LYS A 218 10.21 18.36 0.55
C LYS A 218 11.39 17.90 -0.32
N LEU A 219 12.18 18.84 -0.82
CA LEU A 219 13.36 18.54 -1.62
C LEU A 219 14.60 18.35 -0.73
N LYS A 220 15.59 17.64 -1.24
CA LYS A 220 16.89 17.54 -0.56
C LYS A 220 17.87 18.66 -0.89
N LYS A 221 18.34 19.32 0.18
CA LYS A 221 19.45 20.28 0.11
C LYS A 221 20.33 20.12 -1.14
N GLY A 222 21.17 19.09 -1.12
CA GLY A 222 22.43 19.12 -1.86
C GLY A 222 22.25 18.77 -3.32
N THR A 223 23.36 18.61 -4.04
CA THR A 223 23.31 18.45 -5.50
C THR A 223 24.11 17.24 -5.99
N SER A 224 24.23 16.22 -5.14
CA SER A 224 24.79 14.94 -5.56
C SER A 224 23.83 14.20 -6.50
N GLN A 225 24.33 13.17 -7.17
CA GLN A 225 23.49 12.38 -8.06
C GLN A 225 22.18 12.04 -7.37
N LYS A 226 22.29 11.45 -6.18
CA LYS A 226 21.16 10.76 -5.56
C LYS A 226 20.23 11.70 -4.79
N ASP A 227 20.73 12.89 -4.47
CA ASP A 227 19.88 14.04 -4.18
C ASP A 227 18.97 14.41 -5.36
N GLU A 228 19.54 14.41 -6.57
CA GLU A 228 18.84 14.82 -7.80
C GLU A 228 17.75 13.82 -8.21
N THR A 229 18.01 12.53 -8.00
CA THR A 229 17.05 11.46 -8.23
C THR A 229 15.85 11.58 -7.29
N PHE A 230 16.16 11.79 -6.02
CA PHE A 230 15.16 11.98 -4.98
C PHE A 230 14.28 13.19 -5.27
N ASN A 231 14.88 14.23 -5.85
CA ASN A 231 14.19 15.49 -6.03
C ASN A 231 13.21 15.50 -7.20
N LEU A 232 13.53 14.72 -8.23
CA LEU A 232 13.02 15.01 -9.58
C LEU A 232 11.53 14.71 -9.72
N PRO A 233 11.06 13.62 -9.10
CA PRO A 233 9.65 13.25 -8.92
C PRO A 233 8.89 14.29 -8.11
N ARG A 234 9.53 14.79 -7.05
CA ARG A 234 8.92 15.74 -6.13
C ARG A 234 8.75 17.12 -6.79
N LEU A 235 9.72 17.47 -7.64
CA LEU A 235 9.65 18.70 -8.42
C LEU A 235 8.51 18.61 -9.44
N CYS A 236 8.33 17.44 -10.02
CA CYS A 236 7.40 17.27 -11.11
C CYS A 236 5.96 17.23 -10.60
N ILE A 237 5.75 16.59 -9.45
CA ILE A 237 4.44 16.58 -8.81
C ILE A 237 4.03 17.98 -8.37
N ARG A 238 4.97 18.71 -7.78
CA ARG A 238 4.69 20.04 -7.24
C ARG A 238 4.44 21.07 -8.35
N LYS A 239 5.13 20.88 -9.47
CA LYS A 239 4.89 21.68 -10.66
C LYS A 239 3.55 21.35 -11.32
N PHE A 240 3.20 20.07 -11.36
CA PHE A 240 2.03 19.61 -12.12
C PHE A 240 0.70 20.00 -11.45
N PHE A 241 0.64 19.90 -10.13
CA PHE A 241 -0.56 20.28 -9.38
C PHE A 241 -0.40 21.66 -8.75
N PRO A 242 -1.12 22.68 -9.26
CA PRO A 242 -0.93 24.06 -8.77
C PRO A 242 -1.26 24.22 -7.28
N LYS A 243 -2.46 23.77 -6.89
CA LYS A 243 -2.85 23.76 -5.48
C LYS A 243 -2.78 22.34 -4.95
N LYS A 244 -2.29 22.16 -3.72
CA LYS A 244 -2.50 20.91 -3.00
C LYS A 244 -3.12 21.06 -1.61
N LYS A 245 -3.70 19.97 -1.13
CA LYS A 245 -4.46 19.95 0.11
C LYS A 245 -4.47 18.51 0.64
N CYS A 246 -4.58 18.36 1.95
CA CYS A 246 -4.55 17.04 2.59
C CYS A 246 -5.56 16.97 3.74
N PHE A 247 -6.34 15.90 3.76
CA PHE A 247 -7.29 15.64 4.85
C PHE A 247 -6.97 14.28 5.47
N VAL A 248 -7.24 14.15 6.77
CA VAL A 248 -7.18 12.84 7.42
C VAL A 248 -8.58 12.42 7.87
N PHE A 249 -8.83 11.11 7.83
CA PHE A 249 -10.11 10.57 8.27
C PHE A 249 -9.88 9.43 9.24
N ASP A 250 -10.58 9.43 10.37
CA ASP A 250 -10.62 8.26 11.24
C ASP A 250 -11.32 7.09 10.54
N ARG A 251 -11.00 5.88 10.95
CA ARG A 251 -11.89 4.72 10.72
C ARG A 251 -13.36 5.16 10.84
N PRO A 252 -14.20 4.82 9.85
CA PRO A 252 -15.61 5.24 9.87
C PRO A 252 -16.36 4.68 11.08
N VAL A 253 -16.00 3.45 11.48
CA VAL A 253 -16.71 2.71 12.53
C VAL A 253 -15.75 2.00 13.49
N HIS A 254 -16.27 1.57 14.64
CA HIS A 254 -15.47 0.81 15.61
C HIS A 254 -15.63 -0.71 15.45
N ARG A 255 -16.86 -1.14 15.17
CA ARG A 255 -17.15 -2.54 14.78
C ARG A 255 -15.98 -3.24 14.05
N ARG A 256 -15.80 -4.54 14.29
CA ARG A 256 -14.70 -5.32 13.69
C ARG A 256 -14.78 -5.33 12.15
N LYS A 257 -16.00 -5.21 11.61
CA LYS A 257 -16.25 -5.42 10.19
C LYS A 257 -17.06 -4.27 9.54
N LEU A 258 -16.76 -3.97 8.25
CA LEU A 258 -17.30 -2.80 7.58
C LEU A 258 -18.62 -3.08 6.85
N ALA A 259 -19.10 -4.32 6.94
CA ALA A 259 -19.99 -4.88 5.91
C ALA A 259 -21.19 -4.00 5.57
N GLN A 260 -21.78 -3.37 6.59
CA GLN A 260 -23.13 -2.83 6.45
C GLN A 260 -23.13 -1.33 6.19
N LEU A 261 -22.05 -0.82 5.61
CA LEU A 261 -21.67 0.57 5.81
C LEU A 261 -22.49 1.49 4.90
N GLU A 262 -23.06 0.92 3.83
CA GLU A 262 -24.07 1.61 3.03
C GLU A 262 -25.23 2.16 3.88
N LYS A 263 -25.55 1.46 4.97
CA LYS A 263 -26.86 1.59 5.63
C LYS A 263 -26.82 2.51 6.86
N LEU A 264 -25.61 2.82 7.33
CA LEU A 264 -25.43 3.45 8.63
C LEU A 264 -25.67 4.96 8.55
N GLN A 265 -26.36 5.50 9.56
CA GLN A 265 -26.58 6.94 9.65
C GLN A 265 -25.41 7.61 10.37
N ASP A 266 -25.46 8.94 10.46
CA ASP A 266 -24.34 9.69 10.96
C ASP A 266 -24.09 9.47 12.45
N GLU A 267 -25.13 9.09 13.19
CA GLU A 267 -25.00 8.87 14.63
C GLU A 267 -24.50 7.47 14.94
N GLU A 268 -24.55 6.59 13.95
CA GLU A 268 -23.96 5.26 14.09
C GLU A 268 -22.47 5.26 13.78
N LEU A 269 -22.00 6.38 13.21
CA LEU A 269 -20.62 6.47 12.74
C LEU A 269 -19.75 7.13 13.80
N ASP A 270 -18.43 7.01 13.65
CA ASP A 270 -17.47 7.77 14.44
C ASP A 270 -17.69 9.27 14.26
N PRO A 271 -17.84 10.01 15.38
CA PRO A 271 -18.24 11.43 15.35
C PRO A 271 -17.21 12.31 14.62
N GLU A 272 -15.94 11.97 14.80
CA GLU A 272 -14.85 12.73 14.22
C GLU A 272 -14.77 12.49 12.71
N PHE A 273 -15.00 11.25 12.29
CA PHE A 273 -15.11 10.93 10.87
C PHE A 273 -16.19 11.77 10.18
N VAL A 274 -17.33 11.92 10.83
CA VAL A 274 -18.43 12.74 10.31
C VAL A 274 -18.04 14.20 10.10
N GLN A 275 -17.20 14.71 11.01
CA GLN A 275 -16.75 16.11 10.94
C GLN A 275 -15.65 16.29 9.89
N GLN A 276 -14.79 15.29 9.77
CA GLN A 276 -13.71 15.31 8.79
C GLN A 276 -14.26 15.22 7.37
N VAL A 277 -15.33 14.44 7.21
CA VAL A 277 -16.05 14.35 5.95
C VAL A 277 -16.77 15.66 5.62
N ALA A 278 -17.49 16.22 6.60
CA ALA A 278 -18.09 17.54 6.44
C ALA A 278 -17.07 18.58 5.97
N ASP A 279 -15.86 18.52 6.52
CA ASP A 279 -14.83 19.50 6.23
C ASP A 279 -14.25 19.31 4.83
N PHE A 280 -13.96 18.06 4.47
CA PHE A 280 -13.60 17.71 3.10
C PHE A 280 -14.62 18.21 2.09
N CYS A 281 -15.86 17.75 2.24
CA CYS A 281 -16.93 18.10 1.32
C CYS A 281 -17.03 19.60 1.15
N SER A 282 -16.96 20.32 2.26
CA SER A 282 -17.14 21.76 2.23
C SER A 282 -15.94 22.47 1.60
N TYR A 283 -14.78 21.81 1.63
CA TYR A 283 -13.62 22.29 0.89
C TYR A 283 -13.76 22.09 -0.63
N ILE A 284 -14.14 20.88 -1.02
CA ILE A 284 -14.43 20.60 -2.43
C ILE A 284 -15.46 21.59 -3.00
N PHE A 285 -16.57 21.76 -2.29
CA PHE A 285 -17.66 22.62 -2.76
C PHE A 285 -17.21 24.08 -2.93
N SER A 286 -16.31 24.53 -2.06
CA SER A 286 -15.92 25.92 -2.03
C SER A 286 -14.76 26.24 -2.98
N ASN A 287 -13.88 25.26 -3.18
CA ASN A 287 -12.56 25.56 -3.75
C ASN A 287 -12.32 24.95 -5.14
N SER A 288 -13.03 23.87 -5.47
CA SER A 288 -12.80 23.16 -6.72
C SER A 288 -13.26 23.98 -7.93
N LYS A 289 -12.35 24.20 -8.88
CA LYS A 289 -12.61 25.15 -9.97
C LYS A 289 -13.35 24.49 -11.14
N THR A 290 -13.94 25.32 -11.99
CA THR A 290 -14.56 24.83 -13.22
C THR A 290 -13.50 24.25 -14.15
N LYS A 291 -13.80 23.07 -14.69
CA LYS A 291 -12.87 22.43 -15.61
C LYS A 291 -12.74 23.22 -16.92
N THR A 292 -11.51 23.29 -17.41
CA THR A 292 -11.12 24.28 -18.40
C THR A 292 -10.23 23.56 -19.42
N LEU A 293 -10.39 23.91 -20.71
CA LEU A 293 -9.43 23.46 -21.73
C LEU A 293 -8.25 24.42 -21.79
N SER A 294 -7.17 24.03 -22.47
CA SER A 294 -6.13 25.02 -22.79
C SER A 294 -6.78 26.15 -23.55
N GLY A 295 -6.34 27.38 -23.27
CA GLY A 295 -6.91 28.55 -23.92
C GLY A 295 -8.08 29.11 -23.14
N GLY A 296 -8.58 28.34 -22.17
CA GLY A 296 -9.35 28.91 -21.08
C GLY A 296 -10.86 28.69 -21.21
N ILE A 297 -11.25 27.88 -22.19
CA ILE A 297 -12.66 27.58 -22.38
C ILE A 297 -13.16 26.62 -21.31
N GLN A 298 -14.34 26.91 -20.78
CA GLN A 298 -14.89 26.14 -19.69
C GLN A 298 -15.60 24.90 -20.24
N VAL A 299 -15.37 23.77 -19.58
CA VAL A 299 -15.85 22.48 -20.04
C VAL A 299 -17.28 22.22 -19.54
N ASN A 300 -18.20 22.08 -20.50
CA ASN A 300 -19.54 21.57 -20.21
C ASN A 300 -19.66 20.14 -20.75
N GLY A 301 -20.89 19.64 -20.82
CA GLY A 301 -21.10 18.22 -21.11
C GLY A 301 -20.52 17.78 -22.45
N PRO A 302 -20.83 18.53 -23.51
CA PRO A 302 -20.35 18.20 -24.85
C PRO A 302 -18.83 18.27 -24.97
N ARG A 303 -18.22 19.21 -24.26
CA ARG A 303 -16.76 19.33 -24.22
C ARG A 303 -16.09 18.22 -23.39
N LEU A 304 -16.75 17.79 -22.30
CA LEU A 304 -16.26 16.63 -21.54
C LEU A 304 -16.37 15.37 -22.38
N GLU A 305 -17.51 15.18 -23.02
CA GLU A 305 -17.74 14.06 -23.93
C GLU A 305 -16.58 13.93 -24.91
N SER A 306 -16.27 15.05 -25.56
CA SER A 306 -15.24 15.07 -26.58
C SER A 306 -13.83 14.78 -26.02
N LEU A 307 -13.57 15.24 -24.79
CA LEU A 307 -12.34 14.86 -24.07
C LEU A 307 -12.27 13.36 -23.78
N VAL A 308 -13.36 12.80 -23.27
CA VAL A 308 -13.42 11.36 -23.04
C VAL A 308 -13.08 10.56 -24.30
N LEU A 309 -13.70 10.92 -25.42
CA LEU A 309 -13.44 10.22 -26.69
C LEU A 309 -11.99 10.39 -27.11
N THR A 310 -11.55 11.64 -27.12
CA THR A 310 -10.17 11.94 -27.53
C THR A 310 -9.16 11.09 -26.77
N TYR A 311 -9.25 11.10 -25.44
CA TYR A 311 -8.26 10.41 -24.60
C TYR A 311 -8.39 8.89 -24.62
N VAL A 312 -9.62 8.39 -24.66
CA VAL A 312 -9.85 6.95 -24.78
C VAL A 312 -9.35 6.39 -26.12
N ASN A 313 -9.50 7.15 -27.20
CA ASN A 313 -9.01 6.74 -28.53
C ASN A 313 -7.48 6.71 -28.60
N ALA A 314 -6.85 7.69 -27.94
CA ALA A 314 -5.39 7.79 -27.95
C ALA A 314 -4.76 6.64 -27.18
N ILE A 315 -5.44 6.20 -26.12
CA ILE A 315 -5.01 5.02 -25.37
C ILE A 315 -5.24 3.72 -26.16
N SER A 316 -6.31 3.71 -26.94
CA SER A 316 -6.71 2.50 -27.69
C SER A 316 -5.98 2.34 -29.02
N SER A 317 -5.01 3.20 -29.30
CA SER A 317 -4.38 3.24 -30.62
C SER A 317 -3.00 2.57 -30.74
N GLY A 318 -2.13 2.76 -29.74
CA GLY A 318 -0.70 2.49 -29.88
C GLY A 318 0.25 3.52 -29.28
N ASP A 319 0.19 3.65 -27.94
CA ASP A 319 1.18 4.40 -27.14
C ASP A 319 0.92 5.91 -27.13
N HIS B 17 19.85 -13.72 29.05
CA HIS B 17 21.01 -13.71 28.11
C HIS B 17 20.96 -12.49 27.19
N MET B 18 20.21 -12.59 26.10
CA MET B 18 19.93 -11.41 25.27
C MET B 18 18.69 -10.64 25.72
N THR B 19 18.91 -9.54 26.44
CA THR B 19 17.85 -8.94 27.23
C THR B 19 16.91 -8.04 26.41
N GLY B 20 17.40 -7.59 25.26
CA GLY B 20 16.52 -6.89 24.29
C GLY B 20 17.11 -6.93 22.89
N PRO B 21 16.37 -6.43 21.89
CA PRO B 21 16.89 -6.47 20.52
C PRO B 21 18.17 -5.66 20.36
N MET B 22 18.83 -5.87 19.23
CA MET B 22 20.01 -5.11 18.90
C MET B 22 20.07 -4.96 17.39
N CYS B 23 20.50 -3.78 16.93
CA CYS B 23 20.71 -3.59 15.51
C CYS B 23 21.68 -4.63 14.97
N LEU B 24 21.24 -5.35 13.94
CA LEU B 24 22.12 -6.29 13.24
C LEU B 24 22.75 -5.66 12.00
N ILE B 25 21.90 -5.09 11.14
CA ILE B 25 22.37 -4.38 9.95
C ILE B 25 22.00 -2.91 10.04
N GLU B 26 23.01 -2.05 10.14
CA GLU B 26 22.78 -0.60 10.19
C GLU B 26 22.46 -0.06 8.81
N ASN B 27 21.69 1.00 8.78
CA ASN B 27 21.29 1.62 7.53
C ASN B 27 21.43 3.14 7.58
N THR B 28 22.58 3.62 7.13
CA THR B 28 23.05 4.98 7.38
C THR B 28 23.50 5.58 6.06
N ASN B 29 22.70 6.47 5.48
CA ASN B 29 23.14 7.24 4.31
C ASN B 29 23.28 6.40 3.04
N GLY B 30 22.45 5.36 2.90
CA GLY B 30 22.50 4.50 1.73
C GLY B 30 23.32 3.23 1.94
N ARG B 31 24.14 3.23 2.99
CA ARG B 31 25.08 2.13 3.23
C ARG B 31 24.52 1.15 4.27
N LEU B 32 24.53 -0.12 3.91
CA LEU B 32 24.14 -1.19 4.83
C LEU B 32 25.39 -1.87 5.41
N MET B 33 25.50 -1.85 6.73
CA MET B 33 26.72 -2.26 7.43
C MET B 33 26.34 -3.23 8.55
N ALA B 34 27.06 -4.34 8.66
CA ALA B 34 26.85 -5.24 9.79
C ALA B 34 27.37 -4.64 11.09
N ASN B 35 26.57 -4.73 12.15
CA ASN B 35 26.99 -4.27 13.48
C ASN B 35 27.93 -5.28 14.14
N PRO B 36 29.22 -4.92 14.34
CA PRO B 36 30.18 -5.84 14.96
C PRO B 36 29.70 -6.38 16.31
N GLU B 37 29.00 -5.54 17.07
CA GLU B 37 28.54 -5.95 18.38
C GLU B 37 27.51 -7.06 18.29
N ALA B 38 26.63 -6.98 17.29
CA ALA B 38 25.68 -8.04 17.02
C ALA B 38 26.37 -9.32 16.55
N LEU B 39 27.31 -9.15 15.63
CA LEU B 39 28.11 -10.27 15.14
C LEU B 39 28.79 -11.00 16.29
N LYS B 40 29.34 -10.25 17.24
CA LYS B 40 29.97 -10.85 18.42
C LYS B 40 29.02 -11.79 19.12
N ILE B 41 27.86 -11.25 19.48
CA ILE B 41 26.83 -12.03 20.16
C ILE B 41 26.47 -13.29 19.40
N LEU B 42 26.31 -13.17 18.09
CA LEU B 42 25.98 -14.33 17.24
C LEU B 42 27.07 -15.39 17.34
N SER B 43 28.31 -14.95 17.37
CA SER B 43 29.44 -15.87 17.35
C SER B 43 29.58 -16.63 18.67
N ALA B 44 28.73 -16.30 19.63
CA ALA B 44 28.77 -16.95 20.95
C ALA B 44 27.65 -17.97 21.11
N ILE B 45 26.69 -17.94 20.18
CA ILE B 45 25.55 -18.84 20.22
C ILE B 45 25.76 -20.05 19.32
N THR B 46 25.93 -21.21 19.95
CA THR B 46 26.29 -22.42 19.21
C THR B 46 25.09 -23.29 18.87
N GLN B 47 23.92 -22.96 19.44
CA GLN B 47 22.69 -23.70 19.18
C GLN B 47 22.15 -23.43 17.77
N PRO B 48 21.44 -24.40 17.19
CA PRO B 48 20.80 -24.21 15.89
C PRO B 48 19.68 -23.15 15.94
N MET B 49 19.43 -22.49 14.81
CA MET B 49 18.59 -21.29 14.79
C MET B 49 17.37 -21.43 13.88
N VAL B 50 16.21 -21.06 14.40
CA VAL B 50 15.04 -20.75 13.59
C VAL B 50 14.92 -19.24 13.39
N VAL B 51 15.01 -18.79 12.14
CA VAL B 51 15.10 -17.36 11.86
C VAL B 51 13.82 -16.83 11.20
N VAL B 52 13.11 -15.96 11.91
CA VAL B 52 11.83 -15.44 11.42
C VAL B 52 11.96 -13.94 11.16
N ALA B 53 11.94 -13.57 9.87
CA ALA B 53 12.03 -12.17 9.47
C ALA B 53 10.68 -11.64 9.01
N ILE B 54 10.44 -10.34 9.23
CA ILE B 54 9.19 -9.73 8.79
C ILE B 54 9.50 -8.52 7.92
N VAL B 55 8.83 -8.39 6.78
CA VAL B 55 8.85 -7.15 6.01
C VAL B 55 7.48 -6.70 5.47
N GLY B 56 7.38 -5.40 5.19
CA GLY B 56 6.16 -4.82 4.65
C GLY B 56 6.29 -3.32 4.55
N LEU B 57 5.23 -2.65 4.12
CA LEU B 57 5.22 -1.20 4.09
C LEU B 57 5.40 -0.66 5.50
N TYR B 58 5.96 0.54 5.60
CA TYR B 58 6.22 1.16 6.90
C TYR B 58 4.93 1.57 7.62
N ARG B 59 5.00 1.54 8.95
CA ARG B 59 3.86 1.89 9.80
C ARG B 59 2.69 0.91 9.66
N THR B 60 3.01 -0.37 9.54
CA THR B 60 1.98 -1.40 9.41
C THR B 60 1.96 -2.42 10.56
N GLY B 61 2.58 -2.10 11.69
CA GLY B 61 2.49 -2.94 12.89
C GLY B 61 3.43 -4.13 12.96
N LYS B 62 4.48 -4.10 12.13
CA LYS B 62 5.43 -5.22 12.05
C LYS B 62 6.13 -5.44 13.40
N SER B 63 6.69 -4.37 13.97
CA SER B 63 7.51 -4.51 15.17
C SER B 63 6.69 -5.08 16.32
N TYR B 64 5.41 -4.75 16.36
CA TYR B 64 4.49 -5.21 17.40
C TYR B 64 4.24 -6.71 17.33
N LEU B 65 3.97 -7.21 16.12
CA LEU B 65 3.77 -8.64 15.91
C LEU B 65 5.02 -9.43 16.28
N MET B 66 6.19 -8.86 16.00
CA MET B 66 7.46 -9.52 16.33
C MET B 66 7.67 -9.66 17.84
N ASN B 67 7.21 -8.67 18.60
CA ASN B 67 7.29 -8.74 20.06
C ASN B 67 6.43 -9.86 20.63
N LYS B 68 5.33 -10.16 19.95
CA LYS B 68 4.47 -11.27 20.32
C LYS B 68 5.19 -12.61 20.19
N LEU B 69 6.00 -12.73 19.13
CA LEU B 69 6.78 -13.95 18.92
C LEU B 69 7.80 -14.15 20.03
N ALA B 70 8.28 -13.05 20.62
CA ALA B 70 9.20 -13.08 21.76
C ALA B 70 8.48 -13.39 23.06
N GLY B 71 7.15 -13.29 23.04
CA GLY B 71 6.35 -13.47 24.25
C GLY B 71 6.42 -12.29 25.21
N LYS B 72 6.83 -11.14 24.69
CA LYS B 72 7.03 -9.95 25.53
C LYS B 72 6.07 -8.82 25.16
N LYS B 73 5.70 -8.03 26.17
CA LYS B 73 5.11 -6.72 25.94
C LYS B 73 6.21 -5.65 25.87
N LYS B 74 6.83 -5.50 24.71
CA LYS B 74 7.97 -4.59 24.55
C LYS B 74 9.27 -5.33 24.25
N GLY B 75 10.12 -4.69 23.45
CA GLY B 75 11.19 -5.38 22.75
C GLY B 75 11.67 -4.54 21.59
N PHE B 76 11.20 -4.87 20.40
CA PHE B 76 11.37 -3.97 19.27
C PHE B 76 10.46 -2.76 19.47
N SER B 77 11.04 -1.56 19.43
CA SER B 77 10.24 -0.38 19.70
C SER B 77 9.42 0.10 18.50
N LEU B 78 8.28 0.71 18.82
CA LEU B 78 7.13 0.81 17.91
C LEU B 78 7.16 2.13 17.15
N GLY B 79 7.19 3.24 17.90
CA GLY B 79 7.03 4.58 17.34
C GLY B 79 5.59 4.92 17.04
N SER B 80 5.12 6.06 17.51
CA SER B 80 3.69 6.35 17.49
C SER B 80 3.30 7.43 16.48
N THR B 81 4.18 7.66 15.51
CA THR B 81 4.18 8.90 14.74
C THR B 81 4.14 8.54 13.24
N VAL B 82 3.86 9.50 12.36
CA VAL B 82 3.81 9.19 10.92
C VAL B 82 5.19 8.87 10.35
N GLN B 83 6.24 9.10 11.15
CA GLN B 83 7.61 8.80 10.75
C GLN B 83 7.97 7.33 10.98
N SER B 84 8.81 6.80 10.09
CA SER B 84 9.44 5.50 10.29
C SER B 84 10.20 5.44 11.61
N HIS B 85 10.22 4.26 12.23
CA HIS B 85 10.88 4.09 13.50
C HIS B 85 11.97 3.01 13.47
N THR B 86 11.61 1.81 13.01
CA THR B 86 12.64 0.77 12.80
C THR B 86 13.51 1.13 11.61
N LYS B 87 14.82 1.19 11.83
CA LYS B 87 15.80 1.42 10.75
C LYS B 87 16.73 0.21 10.61
N GLY B 88 17.13 -0.09 9.38
CA GLY B 88 17.92 -1.30 9.13
C GLY B 88 17.22 -2.56 9.58
N ILE B 89 18.00 -3.53 10.05
CA ILE B 89 17.47 -4.80 10.52
C ILE B 89 17.91 -5.06 11.96
N TRP B 90 16.94 -5.33 12.83
CA TRP B 90 17.21 -5.64 14.23
C TRP B 90 17.05 -7.13 14.48
N MET B 91 17.84 -7.68 15.39
CA MET B 91 17.72 -9.08 15.75
C MET B 91 17.40 -9.21 17.23
N TRP B 92 16.71 -10.30 17.57
CA TRP B 92 16.51 -10.65 18.96
C TRP B 92 16.51 -12.16 19.10
N CYS B 93 17.60 -12.67 19.68
CA CYS B 93 17.77 -14.10 19.89
C CYS B 93 17.20 -14.51 21.25
N VAL B 94 16.19 -15.36 21.23
CA VAL B 94 15.51 -15.79 22.46
C VAL B 94 15.32 -17.31 22.43
N PRO B 95 15.16 -17.94 23.61
CA PRO B 95 14.98 -19.39 23.65
C PRO B 95 13.73 -19.80 22.86
N HIS B 96 13.88 -20.80 22.01
CA HIS B 96 12.73 -21.32 21.26
C HIS B 96 11.75 -22.03 22.20
N PRO B 97 10.48 -21.57 22.26
CA PRO B 97 9.56 -22.02 23.32
C PRO B 97 9.02 -23.45 23.17
N LYS B 98 9.30 -24.09 22.04
CA LYS B 98 8.80 -25.45 21.80
C LYS B 98 9.87 -26.47 21.42
N LYS B 99 10.97 -26.00 20.84
CA LYS B 99 12.07 -26.87 20.44
C LYS B 99 13.27 -26.70 21.36
N PRO B 100 13.39 -27.57 22.37
CA PRO B 100 14.52 -27.54 23.30
C PRO B 100 15.84 -27.46 22.56
N GLY B 101 16.76 -26.64 23.05
CA GLY B 101 18.11 -26.58 22.50
C GLY B 101 18.20 -25.81 21.19
N HIS B 102 17.11 -25.19 20.77
CA HIS B 102 17.13 -24.26 19.64
C HIS B 102 17.08 -22.81 20.10
N ILE B 103 17.44 -21.91 19.19
CA ILE B 103 17.29 -20.49 19.40
C ILE B 103 16.35 -19.91 18.34
N LEU B 104 15.36 -19.16 18.81
CA LEU B 104 14.49 -18.42 17.91
C LEU B 104 15.06 -17.03 17.65
N VAL B 105 15.42 -16.75 16.39
CA VAL B 105 16.00 -15.46 16.01
C VAL B 105 15.00 -14.59 15.27
N LEU B 106 14.56 -13.50 15.91
CA LEU B 106 13.57 -12.61 15.29
C LEU B 106 14.24 -11.44 14.59
N LEU B 107 13.95 -11.29 13.31
CA LEU B 107 14.51 -10.20 12.51
C LEU B 107 13.44 -9.17 12.13
N ASP B 108 13.55 -8.00 12.75
CA ASP B 108 12.60 -6.90 12.51
C ASP B 108 13.24 -5.87 11.58
N THR B 109 12.52 -5.47 10.54
CA THR B 109 13.12 -4.70 9.45
C THR B 109 12.56 -3.28 9.35
N GLU B 110 13.31 -2.41 8.68
CA GLU B 110 12.84 -1.08 8.27
C GLU B 110 11.69 -1.19 7.26
N GLY B 111 10.53 -0.62 7.59
CA GLY B 111 9.39 -0.62 6.67
C GLY B 111 9.71 -0.11 5.28
N LEU B 112 9.05 -0.67 4.26
CA LEU B 112 9.16 -0.20 2.87
C LEU B 112 8.42 1.12 2.63
N GLY B 113 8.94 1.94 1.72
CA GLY B 113 8.20 3.07 1.18
C GLY B 113 8.14 4.29 2.08
N ASP B 114 9.18 4.47 2.90
CA ASP B 114 9.33 5.68 3.71
C ASP B 114 9.57 6.91 2.83
N VAL B 115 8.72 7.93 2.94
CA VAL B 115 8.83 9.12 2.10
C VAL B 115 9.90 10.08 2.58
N GLU B 116 10.32 9.92 3.83
CA GLU B 116 11.50 10.64 4.35
C GLU B 116 12.79 10.17 3.67
N LYS B 117 12.90 8.87 3.43
CA LYS B 117 14.08 8.28 2.79
C LYS B 117 14.03 8.41 1.26
N GLY B 118 12.90 8.02 0.68
CA GLY B 118 12.70 8.11 -0.77
C GLY B 118 13.73 7.31 -1.57
N ASP B 119 14.08 6.11 -1.11
CA ASP B 119 15.15 5.31 -1.73
C ASP B 119 14.75 3.85 -1.92
N ASN B 120 14.13 3.58 -3.07
CA ASN B 120 13.62 2.23 -3.39
C ASN B 120 14.72 1.19 -3.43
N GLN B 121 15.81 1.54 -4.10
CA GLN B 121 16.96 0.63 -4.21
C GLN B 121 17.34 0.10 -2.83
N ASN B 122 17.35 0.98 -1.85
CA ASN B 122 17.69 0.65 -0.46
C ASN B 122 16.64 -0.25 0.18
N ASP B 123 15.36 0.04 -0.08
CA ASP B 123 14.29 -0.88 0.26
C ASP B 123 14.57 -2.31 -0.22
N SER B 124 14.87 -2.44 -1.52
CA SER B 124 15.08 -3.75 -2.12
C SER B 124 16.15 -4.57 -1.41
N TRP B 125 17.26 -3.91 -1.06
CA TRP B 125 18.36 -4.59 -0.37
C TRP B 125 17.89 -5.14 0.97
N ILE B 126 17.22 -4.31 1.76
CA ILE B 126 16.76 -4.72 3.08
C ILE B 126 15.77 -5.88 2.99
N PHE B 127 14.76 -5.73 2.14
CA PHE B 127 13.84 -6.81 1.73
C PHE B 127 14.63 -8.08 1.41
N ALA B 128 15.59 -7.95 0.50
CA ALA B 128 16.39 -9.09 0.05
C ALA B 128 17.14 -9.79 1.18
N LEU B 129 17.89 -9.01 1.96
CA LEU B 129 18.59 -9.55 3.12
C LEU B 129 17.65 -10.30 4.03
N ALA B 130 16.48 -9.73 4.28
CA ALA B 130 15.50 -10.39 5.12
C ALA B 130 15.14 -11.77 4.59
N VAL B 131 14.91 -11.87 3.28
CA VAL B 131 14.60 -13.16 2.66
C VAL B 131 15.79 -14.13 2.76
N LEU B 132 16.99 -13.61 2.53
CA LEU B 132 18.21 -14.43 2.46
C LEU B 132 18.57 -15.03 3.81
N LEU B 133 18.22 -14.32 4.88
CA LEU B 133 18.68 -14.68 6.23
C LEU B 133 17.67 -15.53 7.01
N SER B 134 16.45 -15.66 6.49
CA SER B 134 15.34 -16.21 7.27
C SER B 134 15.13 -17.68 6.95
N SER B 135 14.51 -18.44 7.86
CA SER B 135 13.93 -19.73 7.49
C SER B 135 12.41 -19.69 7.40
N THR B 136 11.81 -18.72 8.08
CA THR B 136 10.44 -18.29 7.76
C THR B 136 10.34 -16.80 7.43
N PHE B 137 9.79 -16.49 6.26
CA PHE B 137 9.67 -15.11 5.83
C PHE B 137 8.24 -14.61 5.90
N VAL B 138 8.01 -13.55 6.68
CA VAL B 138 6.67 -13.04 6.94
C VAL B 138 6.46 -11.70 6.21
N TYR B 139 5.54 -11.67 5.26
CA TYR B 139 5.19 -10.43 4.58
C TYR B 139 3.89 -9.85 5.11
N ASN B 140 3.96 -8.60 5.57
CA ASN B 140 2.92 -8.00 6.40
C ASN B 140 2.26 -6.84 5.64
N SER B 141 0.95 -6.92 5.40
CA SER B 141 0.23 -5.81 4.74
C SER B 141 -1.06 -5.43 5.48
N ILE B 142 -1.62 -4.27 5.17
CA ILE B 142 -2.90 -3.84 5.77
C ILE B 142 -4.07 -4.12 4.82
N GLY B 143 -5.06 -4.86 5.30
CA GLY B 143 -6.39 -4.89 4.67
C GLY B 143 -6.56 -5.95 3.60
N THR B 144 -5.67 -5.93 2.60
CA THR B 144 -5.83 -6.77 1.41
C THR B 144 -4.48 -7.35 1.00
N ILE B 145 -4.50 -8.38 0.17
CA ILE B 145 -3.33 -8.67 -0.66
C ILE B 145 -3.40 -7.88 -1.94
N ASN B 146 -2.29 -7.24 -2.31
CA ASN B 146 -2.35 -6.31 -3.40
C ASN B 146 -1.18 -6.42 -4.38
N GLN B 147 -1.48 -6.24 -5.66
CA GLN B 147 -0.58 -6.64 -6.72
C GLN B 147 0.79 -5.98 -6.62
N GLN B 148 0.81 -4.72 -6.17
CA GLN B 148 2.07 -3.99 -6.09
C GLN B 148 3.04 -4.62 -5.08
N ALA B 149 2.50 -5.25 -4.04
CA ALA B 149 3.32 -6.00 -3.08
C ALA B 149 3.78 -7.33 -3.68
N MET B 150 2.91 -7.94 -4.47
CA MET B 150 3.24 -9.18 -5.15
C MET B 150 4.29 -8.94 -6.24
N ASP B 151 4.20 -7.81 -6.93
CA ASP B 151 5.23 -7.43 -7.90
C ASP B 151 6.57 -7.29 -7.19
N GLN B 152 6.57 -6.66 -6.03
CA GLN B 152 7.83 -6.39 -5.34
C GLN B 152 8.45 -7.66 -4.76
N LEU B 153 7.60 -8.53 -4.23
CA LEU B 153 8.02 -9.82 -3.71
C LEU B 153 8.74 -10.63 -4.79
N TYR B 154 8.16 -10.59 -5.99
CA TYR B 154 8.74 -11.27 -7.13
C TYR B 154 10.11 -10.70 -7.50
N TYR B 155 10.18 -9.37 -7.64
CA TYR B 155 11.43 -8.69 -7.96
C TYR B 155 12.54 -9.10 -7.00
N VAL B 156 12.24 -9.03 -5.71
CA VAL B 156 13.24 -9.25 -4.67
C VAL B 156 13.70 -10.71 -4.61
N THR B 157 12.74 -11.62 -4.78
CA THR B 157 13.01 -13.02 -5.04
C THR B 157 14.06 -13.27 -6.14
N GLU B 158 13.95 -12.56 -7.25
CA GLU B 158 14.91 -12.71 -8.35
C GLU B 158 16.26 -12.09 -7.99
N LEU B 159 16.21 -10.95 -7.31
CA LEU B 159 17.42 -10.28 -6.83
C LEU B 159 18.20 -11.17 -5.86
N THR B 160 17.45 -11.87 -5.02
CA THR B 160 18.00 -12.83 -4.08
C THR B 160 18.90 -13.86 -4.79
N HIS B 161 18.44 -14.34 -5.94
CA HIS B 161 19.22 -15.24 -6.79
C HIS B 161 20.56 -14.61 -7.21
N ARG B 162 20.51 -13.35 -7.66
CA ARG B 162 21.70 -12.63 -8.13
C ARG B 162 22.72 -12.39 -7.00
N ILE B 163 22.22 -12.12 -5.81
CA ILE B 163 23.05 -11.98 -4.61
C ILE B 163 23.74 -13.29 -4.19
N ARG B 164 22.99 -14.40 -4.17
CA ARG B 164 23.59 -15.72 -3.95
C ARG B 164 24.69 -16.05 -4.95
N SER B 165 24.46 -15.71 -6.21
CA SER B 165 25.43 -15.96 -7.27
C SER B 165 26.73 -15.18 -7.05
N LYS B 166 26.58 -13.91 -6.68
CA LYS B 166 27.74 -13.07 -6.39
C LYS B 166 28.60 -13.61 -5.22
N SER B 167 28.02 -14.46 -4.37
CA SER B 167 28.78 -15.56 -3.70
C SER B 167 27.94 -16.63 -2.96
N SER B 168 28.28 -17.92 -3.12
CA SER B 168 29.19 -18.45 -4.17
C SER B 168 30.68 -18.21 -3.92
N VAL B 183 15.80 -31.52 -1.17
CA VAL B 183 15.59 -30.71 0.02
C VAL B 183 15.93 -29.24 -0.24
N SER B 184 15.16 -28.33 0.35
CA SER B 184 15.27 -26.90 0.04
C SER B 184 15.64 -26.03 1.25
N PHE B 185 16.52 -25.04 1.01
CA PHE B 185 16.94 -24.10 2.05
C PHE B 185 16.40 -22.69 1.81
N PHE B 186 15.48 -22.56 0.87
CA PHE B 186 14.69 -21.33 0.75
C PHE B 186 13.61 -21.29 1.84
N PRO B 187 13.29 -20.08 2.34
CA PRO B 187 12.41 -19.94 3.49
C PRO B 187 10.97 -20.31 3.17
N ASP B 188 10.22 -20.70 4.20
CA ASP B 188 8.78 -20.80 4.10
C ASP B 188 8.16 -19.40 4.23
N PHE B 189 6.88 -19.29 3.89
CA PHE B 189 6.27 -17.98 3.64
C PHE B 189 4.98 -17.80 4.43
N VAL B 190 4.83 -16.64 5.06
CA VAL B 190 3.58 -16.27 5.73
C VAL B 190 3.15 -14.85 5.32
N TRP B 191 1.91 -14.72 4.86
CA TRP B 191 1.31 -13.39 4.65
C TRP B 191 0.43 -13.01 5.84
N THR B 192 0.79 -11.92 6.51
CA THR B 192 -0.01 -11.43 7.64
C THR B 192 -0.83 -10.19 7.27
N LEU B 193 -2.15 -10.32 7.34
CA LEU B 193 -3.04 -9.25 6.95
C LEU B 193 -3.59 -8.50 8.16
N ARG B 194 -3.30 -7.20 8.22
CA ARG B 194 -3.57 -6.42 9.41
C ARG B 194 -4.84 -5.58 9.27
N ASP B 195 -5.44 -5.18 10.39
CA ASP B 195 -6.65 -4.37 10.36
C ASP B 195 -7.64 -4.96 9.36
N PHE B 196 -7.67 -6.29 9.28
CA PHE B 196 -8.50 -6.98 8.31
C PHE B 196 -9.97 -6.76 8.62
N SER B 197 -10.71 -6.15 7.69
CA SER B 197 -12.09 -5.75 7.99
C SER B 197 -13.11 -6.22 6.96
N LEU B 198 -12.62 -6.78 5.85
CA LEU B 198 -13.49 -7.11 4.71
C LEU B 198 -14.01 -8.55 4.84
N ASP B 199 -15.12 -8.87 4.16
CA ASP B 199 -15.62 -10.25 4.13
C ASP B 199 -14.67 -11.13 3.31
N LEU B 200 -14.28 -12.28 3.88
CA LEU B 200 -13.40 -13.21 3.17
C LEU B 200 -14.20 -14.07 2.19
N GLU B 201 -14.55 -13.48 1.06
CA GLU B 201 -15.44 -14.07 0.07
C GLU B 201 -14.83 -13.76 -1.30
N ALA B 202 -15.04 -14.65 -2.26
CA ALA B 202 -14.73 -14.35 -3.66
C ALA B 202 -15.58 -15.19 -4.60
N ASP B 203 -16.25 -14.52 -5.54
CA ASP B 203 -17.09 -15.19 -6.53
C ASP B 203 -18.18 -16.06 -5.88
N GLY B 204 -18.84 -15.49 -4.88
CA GLY B 204 -20.00 -16.12 -4.25
C GLY B 204 -19.61 -17.09 -3.15
N GLN B 205 -18.31 -17.37 -3.04
CA GLN B 205 -17.79 -18.49 -2.25
C GLN B 205 -16.98 -17.94 -1.07
N PRO B 206 -17.19 -18.48 0.15
CA PRO B 206 -16.30 -18.13 1.26
C PRO B 206 -14.84 -18.55 1.02
N LEU B 207 -13.91 -17.82 1.63
CA LEU B 207 -12.50 -18.19 1.62
C LEU B 207 -12.00 -18.33 3.07
N THR B 208 -11.08 -19.25 3.31
CA THR B 208 -10.20 -19.16 4.46
C THR B 208 -9.06 -18.21 4.13
N PRO B 209 -8.30 -17.78 5.15
CA PRO B 209 -7.18 -16.90 4.85
C PRO B 209 -6.21 -17.55 3.89
N ASP B 210 -6.00 -18.86 4.05
CA ASP B 210 -5.07 -19.60 3.19
C ASP B 210 -5.56 -19.63 1.74
N GLU B 211 -6.84 -19.91 1.56
CA GLU B 211 -7.44 -19.93 0.23
C GLU B 211 -7.44 -18.55 -0.44
N TYR B 212 -7.44 -17.49 0.37
CA TYR B 212 -7.31 -16.13 -0.17
C TYR B 212 -5.92 -15.88 -0.73
N LEU B 213 -4.91 -16.41 -0.06
CA LEU B 213 -3.55 -16.32 -0.57
C LEU B 213 -3.36 -17.12 -1.85
N THR B 214 -3.82 -18.37 -1.89
CA THR B 214 -3.66 -19.17 -3.09
C THR B 214 -4.56 -18.71 -4.24
N TYR B 215 -5.72 -18.15 -3.89
CA TYR B 215 -6.49 -17.36 -4.85
C TYR B 215 -5.66 -16.26 -5.51
N SER B 216 -4.89 -15.53 -4.72
CA SER B 216 -4.11 -14.40 -5.22
C SER B 216 -2.94 -14.82 -6.11
N LEU B 217 -2.53 -16.09 -6.02
CA LEU B 217 -1.40 -16.60 -6.79
C LEU B 217 -1.84 -17.53 -7.91
N LYS B 218 -3.15 -17.57 -8.16
CA LYS B 218 -3.74 -18.55 -9.07
C LYS B 218 -3.36 -18.20 -10.51
N LEU B 219 -3.05 -19.22 -11.30
CA LEU B 219 -2.63 -19.03 -12.69
C LEU B 219 -3.82 -18.81 -13.63
N LYS B 220 -3.61 -17.96 -14.63
CA LYS B 220 -4.49 -17.90 -15.79
C LYS B 220 -4.29 -19.14 -16.68
N LYS B 221 -5.38 -19.84 -16.98
CA LYS B 221 -5.33 -21.10 -17.72
C LYS B 221 -4.77 -20.93 -19.13
N GLY B 222 -5.15 -19.83 -19.77
CA GLY B 222 -4.88 -19.62 -21.20
C GLY B 222 -3.45 -19.88 -21.62
N THR B 223 -3.29 -20.55 -22.76
CA THR B 223 -2.09 -20.42 -23.58
C THR B 223 -1.75 -18.95 -23.86
N SER B 224 -2.79 -18.16 -24.21
CA SER B 224 -2.60 -16.77 -24.67
C SER B 224 -1.28 -16.17 -24.17
N GLN B 225 -0.77 -15.16 -24.86
CA GLN B 225 0.47 -14.48 -24.43
C GLN B 225 0.39 -13.94 -23.01
N LYS B 226 -0.33 -12.82 -22.86
CA LYS B 226 -0.42 -12.13 -21.58
C LYS B 226 -0.79 -13.06 -20.42
N ASP B 227 -1.64 -14.03 -20.71
CA ASP B 227 -1.79 -15.17 -19.83
C ASP B 227 -0.43 -15.61 -19.26
N GLU B 228 0.65 -15.31 -19.99
CA GLU B 228 1.97 -15.82 -19.65
C GLU B 228 2.80 -14.81 -18.83
N THR B 229 2.68 -13.54 -19.20
CA THR B 229 3.19 -12.42 -18.40
C THR B 229 2.56 -12.40 -17.00
N PHE B 230 1.23 -12.55 -16.96
CA PHE B 230 0.48 -12.61 -15.71
C PHE B 230 0.94 -13.79 -14.85
N ASN B 231 1.15 -14.93 -15.50
CA ASN B 231 1.45 -16.18 -14.80
C ASN B 231 2.85 -16.21 -14.16
N LEU B 232 3.80 -15.49 -14.76
CA LEU B 232 5.21 -15.85 -14.61
C LEU B 232 5.76 -15.50 -13.23
N PRO B 233 5.44 -14.29 -12.74
CA PRO B 233 5.74 -13.90 -11.37
C PRO B 233 5.11 -14.86 -10.35
N ARG B 234 3.83 -15.15 -10.57
CA ARG B 234 3.11 -16.08 -9.71
C ARG B 234 3.77 -17.46 -9.67
N LEU B 235 4.19 -17.96 -10.83
CA LEU B 235 4.95 -19.22 -10.91
C LEU B 235 6.23 -19.16 -10.07
N CYS B 236 6.87 -18.00 -10.10
CA CYS B 236 8.15 -17.82 -9.43
C CYS B 236 8.04 -17.74 -7.92
N ILE B 237 7.03 -17.01 -7.45
CA ILE B 237 6.77 -16.92 -6.00
C ILE B 237 6.36 -18.27 -5.44
N ARG B 238 5.60 -19.03 -6.23
CA ARG B 238 5.07 -20.31 -5.77
C ARG B 238 6.18 -21.36 -5.71
N LYS B 239 7.17 -21.19 -6.58
CA LYS B 239 8.29 -22.11 -6.66
C LYS B 239 9.33 -21.77 -5.60
N PHE B 240 9.51 -20.48 -5.33
CA PHE B 240 10.57 -20.02 -4.45
C PHE B 240 10.28 -20.35 -2.98
N PHE B 241 9.05 -20.13 -2.56
CA PHE B 241 8.64 -20.44 -1.19
C PHE B 241 7.94 -21.79 -1.14
N PRO B 242 8.55 -22.79 -0.46
CA PRO B 242 8.03 -24.17 -0.55
C PRO B 242 6.70 -24.35 0.19
N LYS B 243 6.59 -23.78 1.39
CA LYS B 243 5.34 -23.75 2.15
C LYS B 243 4.83 -22.33 2.28
N LYS B 244 3.51 -22.18 2.30
CA LYS B 244 2.89 -20.89 2.42
C LYS B 244 1.71 -20.94 3.38
N LYS B 245 1.44 -19.81 4.01
CA LYS B 245 0.44 -19.72 5.05
C LYS B 245 -0.02 -18.27 5.12
N CYS B 246 -1.27 -18.05 5.51
CA CYS B 246 -1.82 -16.71 5.60
C CYS B 246 -2.66 -16.57 6.87
N PHE B 247 -2.47 -15.47 7.58
CA PHE B 247 -3.24 -15.18 8.78
C PHE B 247 -3.84 -13.78 8.65
N VAL B 248 -5.08 -13.61 9.09
CA VAL B 248 -5.67 -12.28 9.19
C VAL B 248 -5.71 -11.82 10.65
N PHE B 249 -5.62 -10.51 10.85
CA PHE B 249 -5.67 -9.93 12.19
C PHE B 249 -6.63 -8.75 12.19
N ASP B 250 -7.59 -8.76 13.12
CA ASP B 250 -8.41 -7.57 13.38
C ASP B 250 -7.51 -6.38 13.81
N ARG B 251 -8.01 -5.16 13.64
CA ARG B 251 -7.53 -4.02 14.42
C ARG B 251 -7.23 -4.45 15.86
N PRO B 252 -6.07 -4.06 16.40
CA PRO B 252 -5.75 -4.43 17.79
C PRO B 252 -6.71 -3.80 18.80
N VAL B 253 -7.03 -2.52 18.55
CA VAL B 253 -7.80 -1.72 19.49
C VAL B 253 -8.96 -1.03 18.77
N HIS B 254 -10.01 -0.70 19.51
CA HIS B 254 -11.14 0.06 18.99
C HIS B 254 -10.90 1.58 18.99
N ARG B 255 -10.37 2.10 20.11
CA ARG B 255 -9.62 3.37 20.12
C ARG B 255 -9.27 3.89 18.71
N ARG B 256 -9.43 5.19 18.48
CA ARG B 256 -9.03 5.80 17.20
C ARG B 256 -7.53 5.99 17.02
N LYS B 257 -6.77 5.86 18.11
CA LYS B 257 -5.31 6.05 18.09
C LYS B 257 -4.54 4.89 18.71
N LEU B 258 -3.36 4.58 18.17
CA LEU B 258 -2.56 3.45 18.60
C LEU B 258 -1.40 3.86 19.52
N ALA B 259 -1.44 5.11 20.00
CA ALA B 259 -0.24 5.70 20.64
C ALA B 259 0.26 4.93 21.87
N GLN B 260 -0.67 4.29 22.59
CA GLN B 260 -0.31 3.70 23.89
C GLN B 260 -0.13 2.17 23.84
N LEU B 261 -0.02 1.63 22.63
CA LEU B 261 -0.19 0.21 22.39
C LEU B 261 0.78 -0.64 23.23
N GLU B 262 2.03 -0.20 23.27
CA GLU B 262 3.12 -0.97 23.91
C GLU B 262 2.74 -1.42 25.32
N LYS B 263 1.86 -0.68 25.97
CA LYS B 263 1.57 -0.91 27.39
C LYS B 263 0.08 -1.20 27.66
N LEU B 264 -0.58 -1.91 26.75
CA LEU B 264 -1.92 -2.43 27.00
C LEU B 264 -1.93 -3.97 27.14
N GLN B 265 -2.49 -4.46 28.24
CA GLN B 265 -2.57 -5.90 28.47
C GLN B 265 -3.63 -6.52 27.58
N ASP B 266 -3.58 -7.85 27.44
CA ASP B 266 -4.46 -8.55 26.50
C ASP B 266 -5.93 -8.19 26.72
N GLU B 267 -6.28 -7.98 27.99
CA GLU B 267 -7.67 -7.73 28.37
C GLU B 267 -8.18 -6.39 27.85
N GLU B 268 -7.24 -5.50 27.52
CA GLU B 268 -7.58 -4.18 26.99
C GLU B 268 -7.59 -4.14 25.46
N LEU B 269 -7.17 -5.25 24.85
CA LEU B 269 -7.13 -5.39 23.39
C LEU B 269 -8.45 -5.99 22.87
N ASP B 270 -8.66 -5.94 21.55
CA ASP B 270 -9.75 -6.72 20.95
C ASP B 270 -9.50 -8.22 21.11
N PRO B 271 -10.48 -8.95 21.68
CA PRO B 271 -10.35 -10.35 22.13
C PRO B 271 -10.13 -11.34 20.99
N GLU B 272 -10.50 -10.95 19.76
CA GLU B 272 -10.19 -11.80 18.62
C GLU B 272 -8.84 -11.51 17.98
N PHE B 273 -8.35 -10.28 18.14
CA PHE B 273 -6.95 -9.97 17.87
C PHE B 273 -6.02 -10.81 18.73
N VAL B 274 -6.31 -10.88 20.03
CA VAL B 274 -5.56 -11.72 20.97
C VAL B 274 -5.48 -13.17 20.53
N GLN B 275 -6.62 -13.72 20.10
CA GLN B 275 -6.66 -15.11 19.63
C GLN B 275 -5.86 -15.27 18.36
N GLN B 276 -6.08 -14.35 17.43
CA GLN B 276 -5.42 -14.39 16.13
C GLN B 276 -3.90 -14.41 16.30
N VAL B 277 -3.41 -13.55 17.20
CA VAL B 277 -1.99 -13.52 17.53
C VAL B 277 -1.49 -14.83 18.14
N ALA B 278 -2.28 -15.43 19.04
CA ALA B 278 -1.94 -16.73 19.63
C ALA B 278 -1.82 -17.83 18.57
N ASP B 279 -2.80 -17.89 17.67
CA ASP B 279 -2.80 -18.88 16.59
C ASP B 279 -1.58 -18.70 15.69
N PHE B 280 -1.24 -17.45 15.37
CA PHE B 280 -0.07 -17.15 14.54
C PHE B 280 1.23 -17.61 15.21
N CYS B 281 1.46 -17.10 16.41
CA CYS B 281 2.63 -17.48 17.19
C CYS B 281 2.76 -19.00 17.26
N SER B 282 1.66 -19.67 17.58
CA SER B 282 1.67 -21.11 17.76
C SER B 282 2.01 -21.87 16.47
N TYR B 283 1.56 -21.36 15.34
CA TYR B 283 1.97 -21.89 14.04
C TYR B 283 3.46 -21.71 13.81
N ILE B 284 3.96 -20.50 14.05
CA ILE B 284 5.38 -20.23 13.89
C ILE B 284 6.24 -21.15 14.77
N PHE B 285 5.87 -21.26 16.04
CA PHE B 285 6.55 -22.14 16.99
C PHE B 285 6.56 -23.61 16.56
N SER B 286 5.46 -24.07 15.98
CA SER B 286 5.29 -25.48 15.64
C SER B 286 5.97 -25.85 14.34
N ASN B 287 6.05 -24.89 13.42
CA ASN B 287 6.21 -25.20 12.01
C ASN B 287 7.48 -24.63 11.38
N SER B 288 7.92 -23.49 11.87
CA SER B 288 9.12 -22.88 11.32
C SER B 288 10.35 -23.76 11.50
N LYS B 289 11.05 -24.02 10.39
CA LYS B 289 12.11 -25.03 10.38
C LYS B 289 13.41 -24.40 10.86
N THR B 290 14.33 -25.24 11.33
CA THR B 290 15.71 -24.80 11.53
C THR B 290 16.30 -24.26 10.24
N LYS B 291 16.98 -23.12 10.35
CA LYS B 291 17.66 -22.52 9.21
C LYS B 291 18.82 -23.40 8.75
N THR B 292 19.04 -23.45 7.44
CA THR B 292 19.85 -24.51 6.85
C THR B 292 20.72 -23.94 5.72
N LEU B 293 21.98 -24.37 5.63
CA LEU B 293 22.83 -24.01 4.50
C LEU B 293 22.58 -24.97 3.33
N SER B 294 22.95 -24.57 2.12
CA SER B 294 22.86 -25.48 0.99
C SER B 294 23.87 -26.61 1.15
N GLY B 295 23.38 -27.85 1.14
CA GLY B 295 24.13 -28.99 1.65
C GLY B 295 23.48 -29.60 2.89
N GLY B 296 22.73 -28.80 3.63
CA GLY B 296 21.88 -29.33 4.68
C GLY B 296 22.37 -29.02 6.08
N ILE B 297 23.54 -28.40 6.18
CA ILE B 297 24.12 -28.03 7.47
C ILE B 297 23.27 -27.00 8.19
N GLN B 298 23.04 -27.22 9.48
CA GLN B 298 22.17 -26.35 10.27
C GLN B 298 22.90 -25.08 10.70
N VAL B 299 22.21 -23.95 10.61
CA VAL B 299 22.80 -22.64 10.89
C VAL B 299 22.69 -22.33 12.39
N ASN B 300 23.84 -22.18 13.03
CA ASN B 300 23.92 -21.62 14.39
C ASN B 300 24.51 -20.22 14.36
N GLY B 301 24.90 -19.69 15.52
CA GLY B 301 25.36 -18.32 15.61
C GLY B 301 26.49 -18.00 14.63
N PRO B 302 27.61 -18.73 14.76
CA PRO B 302 28.77 -18.46 13.92
C PRO B 302 28.44 -18.55 12.42
N ARG B 303 27.52 -19.44 12.07
CA ARG B 303 27.16 -19.64 10.67
C ARG B 303 26.23 -18.56 10.12
N LEU B 304 25.37 -18.03 10.99
CA LEU B 304 24.57 -16.83 10.66
C LEU B 304 25.45 -15.59 10.54
N GLU B 305 26.40 -15.44 11.46
CA GLU B 305 27.35 -14.33 11.40
C GLU B 305 28.08 -14.31 10.06
N SER B 306 28.42 -15.51 9.57
CA SER B 306 29.17 -15.64 8.32
C SER B 306 28.31 -15.37 7.08
N LEU B 307 27.02 -15.72 7.15
CA LEU B 307 26.05 -15.34 6.12
C LEU B 307 25.83 -13.82 6.05
N VAL B 308 25.54 -13.23 7.19
CA VAL B 308 25.35 -11.78 7.26
C VAL B 308 26.48 -11.05 6.52
N LEU B 309 27.71 -11.36 6.88
CA LEU B 309 28.87 -10.69 6.29
C LEU B 309 28.98 -10.97 4.78
N THR B 310 28.90 -12.24 4.41
CA THR B 310 28.88 -12.61 3.01
C THR B 310 27.88 -11.77 2.20
N TYR B 311 26.64 -11.68 2.70
CA TYR B 311 25.55 -11.05 1.94
C TYR B 311 25.61 -9.51 1.94
N VAL B 312 26.04 -8.96 3.07
CA VAL B 312 26.29 -7.51 3.16
C VAL B 312 27.45 -7.06 2.28
N ASN B 313 28.54 -7.84 2.29
CA ASN B 313 29.66 -7.59 1.39
C ASN B 313 29.25 -7.65 -0.08
N ALA B 314 28.51 -8.70 -0.43
CA ALA B 314 28.00 -8.87 -1.79
C ALA B 314 27.15 -7.69 -2.25
N ILE B 315 26.46 -7.04 -1.30
CA ILE B 315 25.70 -5.84 -1.60
C ILE B 315 26.58 -4.59 -1.65
N SER B 316 27.55 -4.51 -0.75
CA SER B 316 28.42 -3.33 -0.66
C SER B 316 29.23 -3.14 -1.94
N SER B 317 29.27 -4.18 -2.77
CA SER B 317 30.05 -4.16 -4.03
C SER B 317 29.38 -3.32 -5.12
N GLY B 318 28.58 -3.97 -5.98
CA GLY B 318 27.94 -3.34 -7.14
C GLY B 318 27.39 -4.30 -8.19
N ASP B 319 26.11 -4.73 -8.02
CA ASP B 319 25.34 -5.40 -9.10
C ASP B 319 24.00 -4.75 -9.51
N LEU B 320 23.13 -4.46 -8.54
CA LEU B 320 21.66 -4.50 -8.74
C LEU B 320 21.23 -5.45 -9.85
#